data_2FXV
#
_entry.id   2FXV
#
_cell.length_a   53.570
_cell.length_b   54.280
_cell.length_c   138.770
_cell.angle_alpha   90.00
_cell.angle_beta   90.00
_cell.angle_gamma   90.00
#
_symmetry.space_group_name_H-M   'P 21 21 21'
#
loop_
_entity.id
_entity.type
_entity.pdbx_description
1 polymer 'Xanthine phosphoribosyltransferase'
2 non-polymer "GUANOSINE-5'-MONOPHOSPHATE"
3 non-polymer GLYCEROL
4 water water
#
_entity_poly.entity_id   1
_entity_poly.type   'polypeptide(L)'
_entity_poly.pdbx_seq_one_letter_code
;MEALKRKIEEEGVVLSDQVLKVDSFLNHQIDPLLMQRIGDEFASRFAKDGITKIVTIESSGIAPAVMTGLKLGVPVVFAR
KHKSLTLTDNLLTASVYSFTKQTESQIAVSGTHLSDQDHVLIIDDFLANGQAAHGLVSIVKQAGASIAGIGIVIEKSFQP
GRDELVKLGYRVESLARIQSLEEGKVSFVQEVHS
;
_entity_poly.pdbx_strand_id   A,B
#
# COMPACT_ATOMS: atom_id res chain seq x y z
N MET A 1 -21.55 -3.05 -3.15
CA MET A 1 -21.76 -2.01 -2.08
C MET A 1 -22.33 -0.75 -2.68
N GLU A 2 -23.44 -0.29 -2.13
CA GLU A 2 -24.05 0.93 -2.63
C GLU A 2 -23.08 2.09 -2.39
N ALA A 3 -22.31 1.99 -1.31
CA ALA A 3 -21.34 3.04 -0.97
C ALA A 3 -20.25 3.13 -2.03
N LEU A 4 -19.78 1.97 -2.50
CA LEU A 4 -18.74 1.94 -3.53
C LEU A 4 -19.31 2.38 -4.88
N LYS A 5 -20.50 1.89 -5.21
CA LYS A 5 -21.16 2.23 -6.46
C LYS A 5 -21.30 3.74 -6.57
N ARG A 6 -21.80 4.37 -5.50
CA ARG A 6 -21.98 5.82 -5.50
C ARG A 6 -20.65 6.56 -5.66
N LYS A 7 -19.62 6.10 -4.96
CA LYS A 7 -18.30 6.73 -5.07
C LYS A 7 -17.86 6.74 -6.53
N ILE A 8 -18.03 5.61 -7.19
CA ILE A 8 -17.65 5.47 -8.60
C ILE A 8 -18.42 6.41 -9.51
N GLU A 9 -19.75 6.42 -9.34
CA GLU A 9 -20.60 7.27 -10.16
C GLU A 9 -20.24 8.75 -10.07
N GLU A 10 -20.05 9.26 -8.86
CA GLU A 10 -19.74 10.67 -8.70
C GLU A 10 -18.27 11.08 -8.81
N GLU A 11 -17.34 10.19 -8.44
CA GLU A 11 -15.92 10.54 -8.53
C GLU A 11 -15.11 9.83 -9.61
N GLY A 12 -15.55 8.64 -10.04
CA GLY A 12 -14.83 7.95 -11.08
C GLY A 12 -14.78 8.74 -12.37
N VAL A 13 -13.69 8.58 -13.12
CA VAL A 13 -13.53 9.28 -14.40
C VAL A 13 -13.30 8.27 -15.52
N VAL A 14 -14.26 8.20 -16.44
CA VAL A 14 -14.19 7.27 -17.57
C VAL A 14 -13.15 7.73 -18.60
N LEU A 15 -11.99 7.07 -18.58
CA LEU A 15 -10.89 7.39 -19.49
C LEU A 15 -11.24 7.05 -20.93
N SER A 16 -11.82 5.86 -21.10
CA SER A 16 -12.23 5.36 -22.41
C SER A 16 -13.24 4.27 -22.09
N ASP A 17 -13.62 3.49 -23.10
CA ASP A 17 -14.58 2.43 -22.85
C ASP A 17 -13.88 1.18 -22.29
N GLN A 18 -12.57 1.27 -22.07
CA GLN A 18 -11.81 0.15 -21.54
C GLN A 18 -11.21 0.42 -20.16
N VAL A 19 -11.12 1.69 -19.78
CA VAL A 19 -10.49 2.07 -18.51
C VAL A 19 -11.27 3.05 -17.64
N LEU A 20 -11.33 2.76 -16.34
CA LEU A 20 -12.00 3.63 -15.37
C LEU A 20 -10.95 4.16 -14.41
N LYS A 21 -10.95 5.47 -14.24
CA LYS A 21 -10.00 6.13 -13.35
C LYS A 21 -10.67 6.50 -12.02
N VAL A 22 -10.16 5.93 -10.93
CA VAL A 22 -10.69 6.20 -9.60
C VAL A 22 -9.54 6.61 -8.67
N ASP A 23 -8.70 7.52 -9.16
CA ASP A 23 -7.55 8.00 -8.40
C ASP A 23 -7.94 8.80 -7.17
N SER A 24 -9.14 9.38 -7.18
CA SER A 24 -9.58 10.19 -6.06
C SER A 24 -9.85 9.41 -4.78
N PHE A 25 -10.11 8.10 -4.89
CA PHE A 25 -10.41 7.33 -3.68
C PHE A 25 -9.83 5.94 -3.55
N LEU A 26 -9.18 5.41 -4.59
CA LEU A 26 -8.63 4.06 -4.51
C LEU A 26 -7.19 3.91 -4.98
N ASN A 27 -6.89 4.41 -6.18
CA ASN A 27 -5.58 4.25 -6.80
C ASN A 27 -4.46 5.26 -6.60
N HIS A 28 -4.72 6.38 -5.94
CA HIS A 28 -3.67 7.37 -5.73
C HIS A 28 -3.96 8.03 -4.39
N GLN A 29 -5.19 8.53 -4.26
CA GLN A 29 -5.65 9.08 -3.01
C GLN A 29 -6.52 7.95 -2.51
N ILE A 30 -6.49 7.71 -1.21
CA ILE A 30 -7.27 6.63 -0.62
C ILE A 30 -8.26 7.16 0.39
N ASP A 31 -9.51 6.68 0.31
CA ASP A 31 -10.56 7.06 1.26
C ASP A 31 -10.54 5.95 2.31
N PRO A 32 -9.89 6.19 3.46
CA PRO A 32 -9.80 5.20 4.55
C PRO A 32 -11.11 4.58 5.00
N LEU A 33 -12.12 5.42 5.20
CA LEU A 33 -13.42 4.92 5.65
C LEU A 33 -14.02 3.98 4.62
N LEU A 34 -13.98 4.38 3.36
CA LEU A 34 -14.51 3.52 2.31
C LEU A 34 -13.71 2.22 2.30
N MET A 35 -12.40 2.32 2.50
CA MET A 35 -11.57 1.12 2.50
C MET A 35 -12.00 0.19 3.63
N GLN A 36 -12.35 0.78 4.78
CA GLN A 36 -12.79 -0.01 5.93
C GLN A 36 -14.08 -0.75 5.57
N ARG A 37 -14.99 -0.06 4.90
CA ARG A 37 -16.24 -0.70 4.51
C ARG A 37 -15.96 -1.83 3.52
N ILE A 38 -15.04 -1.57 2.58
CA ILE A 38 -14.69 -2.58 1.58
C ILE A 38 -14.12 -3.80 2.28
N GLY A 39 -13.23 -3.57 3.24
CA GLY A 39 -12.64 -4.68 3.97
C GLY A 39 -13.69 -5.46 4.74
N ASP A 40 -14.64 -4.73 5.33
CA ASP A 40 -15.69 -5.38 6.09
C ASP A 40 -16.58 -6.22 5.17
N GLU A 41 -16.90 -5.67 4.00
CA GLU A 41 -17.74 -6.39 3.04
C GLU A 41 -17.03 -7.68 2.59
N PHE A 42 -15.73 -7.60 2.32
CA PHE A 42 -14.96 -8.78 1.91
C PHE A 42 -14.97 -9.83 3.03
N ALA A 43 -14.67 -9.38 4.25
CA ALA A 43 -14.64 -10.28 5.40
C ALA A 43 -15.96 -11.01 5.57
N SER A 44 -17.06 -10.28 5.45
CA SER A 44 -18.39 -10.85 5.58
C SER A 44 -18.59 -12.00 4.59
N ARG A 45 -18.19 -11.77 3.34
CA ARG A 45 -18.33 -12.79 2.31
C ARG A 45 -17.46 -14.02 2.52
N PHE A 46 -16.36 -13.89 3.25
CA PHE A 46 -15.47 -15.03 3.50
C PHE A 46 -15.31 -15.31 4.98
N ALA A 47 -16.26 -14.83 5.78
CA ALA A 47 -16.23 -15.00 7.22
C ALA A 47 -16.01 -16.43 7.70
N LYS A 48 -16.76 -17.37 7.12
CA LYS A 48 -16.67 -18.77 7.53
C LYS A 48 -15.85 -19.68 6.63
N ASP A 49 -14.94 -19.11 5.85
CA ASP A 49 -14.13 -19.93 4.95
C ASP A 49 -12.82 -20.41 5.56
N GLY A 50 -12.56 -20.01 6.81
CA GLY A 50 -11.34 -20.43 7.47
C GLY A 50 -10.08 -19.88 6.84
N ILE A 51 -10.14 -18.62 6.42
CA ILE A 51 -8.99 -17.96 5.80
C ILE A 51 -7.89 -17.75 6.83
N THR A 52 -6.64 -18.00 6.45
CA THR A 52 -5.53 -17.81 7.37
C THR A 52 -4.61 -16.68 6.93
N LYS A 53 -4.79 -16.19 5.71
CA LYS A 53 -3.93 -15.13 5.21
C LYS A 53 -4.50 -14.52 3.94
N ILE A 54 -4.18 -13.24 3.71
CA ILE A 54 -4.65 -12.55 2.52
C ILE A 54 -3.43 -12.22 1.68
N VAL A 55 -3.55 -12.37 0.37
CA VAL A 55 -2.43 -12.04 -0.52
C VAL A 55 -2.93 -11.01 -1.53
N THR A 56 -2.12 -10.00 -1.78
CA THR A 56 -2.48 -8.96 -2.73
C THR A 56 -1.23 -8.55 -3.48
N ILE A 57 -1.32 -7.48 -4.24
CA ILE A 57 -0.17 -7.00 -4.98
C ILE A 57 -0.04 -5.50 -4.77
N GLU A 58 1.19 -5.02 -4.62
CA GLU A 58 1.40 -3.59 -4.43
C GLU A 58 0.93 -2.91 -5.71
N SER A 59 0.37 -1.71 -5.59
CA SER A 59 0.22 -1.08 -4.29
C SER A 59 -1.24 -0.76 -3.97
N SER A 60 -2.07 -0.69 -5.02
CA SER A 60 -3.48 -0.36 -4.83
C SER A 60 -4.27 -1.42 -4.07
N GLY A 61 -3.80 -2.66 -4.13
CA GLY A 61 -4.48 -3.74 -3.42
C GLY A 61 -4.23 -3.72 -1.93
N ILE A 62 -3.17 -3.05 -1.50
CA ILE A 62 -2.81 -3.01 -0.08
C ILE A 62 -3.87 -2.49 0.89
N ALA A 63 -4.40 -1.29 0.65
CA ALA A 63 -5.41 -0.74 1.55
C ALA A 63 -6.63 -1.65 1.70
N PRO A 64 -7.24 -2.07 0.56
CA PRO A 64 -8.42 -2.95 0.65
C PRO A 64 -8.10 -4.23 1.42
N ALA A 65 -6.95 -4.82 1.09
CA ALA A 65 -6.50 -6.05 1.71
C ALA A 65 -6.22 -5.92 3.20
N VAL A 66 -5.55 -4.83 3.61
CA VAL A 66 -5.25 -4.64 5.02
C VAL A 66 -6.52 -4.52 5.84
N MET A 67 -7.48 -3.74 5.36
CA MET A 67 -8.73 -3.56 6.08
C MET A 67 -9.46 -4.89 6.22
N THR A 68 -9.39 -5.72 5.17
CA THR A 68 -10.02 -7.03 5.20
C THR A 68 -9.34 -7.90 6.24
N GLY A 69 -8.01 -7.90 6.23
CA GLY A 69 -7.26 -8.69 7.18
C GLY A 69 -7.47 -8.21 8.61
N LEU A 70 -7.71 -6.90 8.77
CA LEU A 70 -7.94 -6.34 10.09
C LEU A 70 -9.25 -6.91 10.63
N LYS A 71 -10.26 -6.97 9.77
CA LYS A 71 -11.56 -7.48 10.18
C LYS A 71 -11.52 -8.99 10.44
N LEU A 72 -10.87 -9.75 9.56
CA LEU A 72 -10.78 -11.20 9.72
C LEU A 72 -9.73 -11.64 10.74
N GLY A 73 -8.84 -10.73 11.12
CA GLY A 73 -7.82 -11.06 12.08
C GLY A 73 -6.73 -11.95 11.51
N VAL A 74 -6.32 -11.68 10.27
CA VAL A 74 -5.26 -12.45 9.64
C VAL A 74 -4.23 -11.52 9.00
N PRO A 75 -3.00 -12.01 8.77
CA PRO A 75 -1.95 -11.19 8.17
C PRO A 75 -2.23 -10.94 6.69
N VAL A 76 -1.59 -9.91 6.15
CA VAL A 76 -1.74 -9.58 4.74
C VAL A 76 -0.36 -9.54 4.09
N VAL A 77 -0.19 -10.28 3.00
CA VAL A 77 1.08 -10.32 2.29
C VAL A 77 0.89 -9.69 0.92
N PHE A 78 1.72 -8.71 0.57
CA PHE A 78 1.56 -8.12 -0.74
C PHE A 78 2.73 -8.45 -1.64
N ALA A 79 2.41 -8.95 -2.83
CA ALA A 79 3.41 -9.32 -3.81
C ALA A 79 4.11 -8.05 -4.27
N ARG A 80 5.41 -8.15 -4.51
CA ARG A 80 6.19 -7.00 -4.93
C ARG A 80 6.80 -7.21 -6.32
N LYS A 81 7.05 -6.11 -7.02
CA LYS A 81 7.65 -6.16 -8.35
C LYS A 81 9.08 -6.67 -8.24
N HIS A 82 9.46 -7.57 -9.12
CA HIS A 82 10.80 -8.15 -9.09
C HIS A 82 11.33 -8.42 -10.50
N LYS A 83 12.65 -8.53 -10.61
CA LYS A 83 13.33 -8.80 -11.87
C LYS A 83 14.83 -8.88 -11.63
N SER A 84 15.25 -8.40 -10.46
CA SER A 84 16.66 -8.37 -10.06
C SER A 84 17.53 -9.58 -10.39
N LEU A 85 18.81 -9.27 -10.59
CA LEU A 85 19.89 -10.18 -10.99
C LEU A 85 20.46 -11.29 -10.08
N THR A 86 19.91 -11.53 -8.90
CA THR A 86 20.52 -12.58 -8.07
C THR A 86 19.70 -13.78 -7.62
N LEU A 87 20.38 -14.64 -6.87
CA LEU A 87 19.82 -15.88 -6.32
C LEU A 87 18.96 -15.66 -5.09
N THR A 88 17.65 -15.70 -5.29
CA THR A 88 16.71 -15.52 -4.20
C THR A 88 16.20 -16.87 -3.76
N ASP A 89 16.90 -17.47 -2.79
CA ASP A 89 16.52 -18.77 -2.26
C ASP A 89 15.09 -18.73 -1.72
N ASN A 90 14.26 -19.62 -2.23
CA ASN A 90 12.88 -19.70 -1.79
C ASN A 90 12.14 -18.38 -2.05
N LEU A 91 11.85 -18.12 -3.32
CA LEU A 91 11.12 -16.92 -3.71
C LEU A 91 10.06 -17.31 -4.72
N LEU A 92 8.80 -17.10 -4.37
CA LEU A 92 7.70 -17.44 -5.26
C LEU A 92 7.49 -16.30 -6.26
N THR A 93 7.53 -16.63 -7.55
CA THR A 93 7.36 -15.60 -8.59
C THR A 93 6.35 -15.94 -9.67
N ALA A 94 5.98 -14.91 -10.44
CA ALA A 94 5.03 -15.06 -11.53
C ALA A 94 5.16 -13.87 -12.49
N SER A 95 4.83 -14.10 -13.76
CA SER A 95 4.90 -13.05 -14.76
C SER A 95 3.52 -12.43 -14.94
N VAL A 96 3.45 -11.11 -14.88
CA VAL A 96 2.17 -10.43 -15.03
C VAL A 96 2.24 -9.34 -16.11
N TYR A 97 1.28 -9.36 -17.02
CA TYR A 97 1.22 -8.35 -18.09
C TYR A 97 0.23 -7.27 -17.65
N SER A 98 0.75 -6.07 -17.41
CA SER A 98 -0.07 -4.95 -16.98
C SER A 98 -1.13 -4.62 -18.03
N PHE A 99 -2.38 -4.55 -17.61
CA PHE A 99 -3.47 -4.24 -18.53
C PHE A 99 -3.42 -2.78 -18.96
N THR A 100 -3.11 -1.91 -18.01
CA THR A 100 -3.08 -0.48 -18.26
C THR A 100 -1.77 0.05 -18.84
N LYS A 101 -0.68 -0.66 -18.60
CA LYS A 101 0.63 -0.23 -19.09
C LYS A 101 1.12 -1.06 -20.29
N GLN A 102 0.43 -2.17 -20.57
CA GLN A 102 0.81 -3.05 -21.67
C GLN A 102 2.28 -3.41 -21.68
N THR A 103 2.79 -3.73 -20.49
CA THR A 103 4.18 -4.13 -20.30
C THR A 103 4.16 -5.35 -19.39
N GLU A 104 5.20 -6.18 -19.47
CA GLU A 104 5.25 -7.36 -18.63
C GLU A 104 6.30 -7.24 -17.53
N SER A 105 5.95 -7.68 -16.34
CA SER A 105 6.88 -7.62 -15.21
C SER A 105 6.73 -8.88 -14.37
N GLN A 106 7.65 -9.08 -13.43
CA GLN A 106 7.61 -10.25 -12.56
C GLN A 106 7.24 -9.81 -11.15
N ILE A 107 6.28 -10.50 -10.56
CA ILE A 107 5.88 -10.20 -9.18
C ILE A 107 6.45 -11.31 -8.31
N ALA A 108 6.56 -11.06 -7.01
CA ALA A 108 7.13 -12.07 -6.13
C ALA A 108 6.76 -11.95 -4.66
N VAL A 109 6.84 -13.09 -3.98
CA VAL A 109 6.55 -13.20 -2.54
C VAL A 109 7.57 -14.16 -1.95
N SER A 110 8.16 -13.79 -0.82
CA SER A 110 9.14 -14.65 -0.14
C SER A 110 8.43 -15.94 0.30
N GLY A 111 9.04 -17.08 -0.03
CA GLY A 111 8.42 -18.35 0.33
C GLY A 111 8.14 -18.49 1.81
N THR A 112 8.94 -17.78 2.61
CA THR A 112 8.81 -17.82 4.05
C THR A 112 7.48 -17.27 4.60
N HIS A 113 6.76 -16.48 3.80
CA HIS A 113 5.50 -15.91 4.27
C HIS A 113 4.26 -16.74 3.93
N LEU A 114 4.46 -17.85 3.23
CA LEU A 114 3.35 -18.72 2.85
C LEU A 114 3.70 -20.19 3.06
N SER A 115 2.79 -20.95 3.66
CA SER A 115 3.02 -22.38 3.89
C SER A 115 1.84 -23.20 3.38
N ASP A 116 2.10 -24.47 3.10
CA ASP A 116 1.04 -25.35 2.59
C ASP A 116 -0.19 -25.46 3.47
N GLN A 117 -0.11 -24.96 4.70
CA GLN A 117 -1.26 -25.01 5.59
C GLN A 117 -2.13 -23.75 5.49
N ASP A 118 -1.65 -22.77 4.73
CA ASP A 118 -2.39 -21.53 4.54
C ASP A 118 -3.59 -21.69 3.62
N HIS A 119 -4.70 -21.08 4.01
CA HIS A 119 -5.91 -21.06 3.22
C HIS A 119 -6.03 -19.58 2.89
N VAL A 120 -5.60 -19.22 1.69
CA VAL A 120 -5.53 -17.83 1.25
C VAL A 120 -6.72 -17.18 0.55
N LEU A 121 -6.93 -15.90 0.86
CA LEU A 121 -7.95 -15.10 0.21
C LEU A 121 -7.14 -14.09 -0.61
N ILE A 122 -7.29 -14.15 -1.94
CA ILE A 122 -6.59 -13.21 -2.80
C ILE A 122 -7.45 -11.96 -2.92
N ILE A 123 -6.82 -10.79 -2.88
CA ILE A 123 -7.54 -9.52 -3.00
C ILE A 123 -6.79 -8.57 -3.95
N ASP A 124 -7.55 -7.80 -4.75
CA ASP A 124 -6.94 -6.83 -5.67
C ASP A 124 -7.97 -5.77 -6.04
N ASP A 125 -7.49 -4.63 -6.52
CA ASP A 125 -8.36 -3.51 -6.86
C ASP A 125 -9.21 -3.67 -8.14
N PHE A 126 -8.60 -4.02 -9.26
CA PHE A 126 -9.33 -4.19 -10.51
C PHE A 126 -9.17 -5.57 -11.14
N LEU A 127 -10.19 -5.98 -11.89
CA LEU A 127 -10.16 -7.23 -12.63
C LEU A 127 -10.51 -6.85 -14.06
N ALA A 128 -9.55 -7.04 -14.97
CA ALA A 128 -9.75 -6.71 -16.37
C ALA A 128 -9.61 -7.98 -17.23
N ASN A 129 -8.39 -8.29 -17.64
CA ASN A 129 -8.16 -9.50 -18.42
C ASN A 129 -7.74 -10.68 -17.54
N GLY A 130 -7.58 -10.42 -16.25
CA GLY A 130 -7.23 -11.46 -15.29
C GLY A 130 -5.77 -11.83 -15.10
N GLN A 131 -4.86 -11.07 -15.70
CA GLN A 131 -3.42 -11.35 -15.58
C GLN A 131 -2.89 -11.34 -14.16
N ALA A 132 -3.18 -10.27 -13.42
CA ALA A 132 -2.72 -10.14 -12.04
C ALA A 132 -3.28 -11.26 -11.15
N ALA A 133 -4.57 -11.54 -11.28
CA ALA A 133 -5.19 -12.60 -10.48
C ALA A 133 -4.52 -13.95 -10.72
N HIS A 134 -4.33 -14.31 -11.99
CA HIS A 134 -3.67 -15.58 -12.33
C HIS A 134 -2.29 -15.60 -11.68
N GLY A 135 -1.59 -14.48 -11.80
CA GLY A 135 -0.26 -14.39 -11.22
C GLY A 135 -0.27 -14.69 -9.74
N LEU A 136 -1.25 -14.13 -9.04
CA LEU A 136 -1.38 -14.34 -7.61
C LEU A 136 -1.71 -15.79 -7.31
N VAL A 137 -2.66 -16.34 -8.05
CA VAL A 137 -3.05 -17.74 -7.90
C VAL A 137 -1.80 -18.61 -8.01
N SER A 138 -1.00 -18.34 -9.04
CA SER A 138 0.23 -19.09 -9.27
C SER A 138 1.17 -19.06 -8.07
N ILE A 139 1.36 -17.88 -7.49
CA ILE A 139 2.24 -17.74 -6.34
C ILE A 139 1.76 -18.56 -5.15
N VAL A 140 0.47 -18.45 -4.84
CA VAL A 140 -0.11 -19.17 -3.72
C VAL A 140 0.02 -20.69 -3.88
N LYS A 141 -0.25 -21.21 -5.07
CA LYS A 141 -0.14 -22.65 -5.30
C LYS A 141 1.30 -23.12 -5.22
N GLN A 142 2.25 -22.24 -5.57
CA GLN A 142 3.65 -22.59 -5.52
C GLN A 142 4.08 -22.88 -4.07
N ALA A 143 3.38 -22.28 -3.12
CA ALA A 143 3.68 -22.48 -1.71
C ALA A 143 2.91 -23.71 -1.21
N GLY A 144 2.06 -24.26 -2.06
CA GLY A 144 1.28 -25.43 -1.68
C GLY A 144 0.07 -25.06 -0.85
N ALA A 145 -0.22 -23.77 -0.80
CA ALA A 145 -1.37 -23.29 -0.04
C ALA A 145 -2.65 -23.47 -0.86
N SER A 146 -3.78 -23.46 -0.18
CA SER A 146 -5.06 -23.59 -0.86
C SER A 146 -5.63 -22.19 -1.03
N ILE A 147 -6.60 -22.03 -1.93
CA ILE A 147 -7.22 -20.73 -2.18
C ILE A 147 -8.72 -20.74 -1.88
N ALA A 148 -9.15 -19.84 -1.01
CA ALA A 148 -10.55 -19.75 -0.61
C ALA A 148 -11.39 -18.91 -1.56
N GLY A 149 -10.74 -18.03 -2.30
CA GLY A 149 -11.47 -17.19 -3.23
C GLY A 149 -10.69 -15.96 -3.65
N ILE A 150 -11.32 -15.15 -4.50
CA ILE A 150 -10.68 -13.94 -4.99
C ILE A 150 -11.59 -12.75 -4.82
N GLY A 151 -11.11 -11.76 -4.09
CA GLY A 151 -11.89 -10.55 -3.87
C GLY A 151 -11.40 -9.43 -4.75
N ILE A 152 -12.33 -8.83 -5.49
CA ILE A 152 -12.02 -7.75 -6.41
C ILE A 152 -12.87 -6.55 -6.03
N VAL A 153 -12.30 -5.35 -6.04
CA VAL A 153 -13.07 -4.16 -5.69
C VAL A 153 -13.91 -3.72 -6.89
N ILE A 154 -13.28 -3.61 -8.05
CA ILE A 154 -14.01 -3.21 -9.26
C ILE A 154 -13.70 -4.17 -10.41
N GLU A 155 -14.74 -4.81 -10.90
CA GLU A 155 -14.61 -5.77 -11.99
C GLU A 155 -15.25 -5.24 -13.26
N LYS A 156 -14.53 -5.35 -14.37
CA LYS A 156 -15.10 -4.92 -15.64
C LYS A 156 -15.66 -6.19 -16.26
N SER A 157 -16.94 -6.43 -15.99
CA SER A 157 -17.63 -7.62 -16.49
C SER A 157 -17.59 -7.79 -18.00
N PHE A 158 -17.43 -6.69 -18.73
CA PHE A 158 -17.38 -6.77 -20.18
C PHE A 158 -16.02 -7.19 -20.71
N GLN A 159 -15.06 -7.42 -19.81
CA GLN A 159 -13.74 -7.88 -20.21
C GLN A 159 -13.63 -9.36 -19.82
N PRO A 160 -12.84 -10.14 -20.57
CA PRO A 160 -12.62 -11.57 -20.36
C PRO A 160 -12.00 -12.06 -19.06
N GLY A 161 -11.40 -11.16 -18.30
CA GLY A 161 -10.78 -11.56 -17.05
C GLY A 161 -11.65 -12.41 -16.14
N ARG A 162 -12.84 -11.92 -15.81
CA ARG A 162 -13.73 -12.66 -14.93
C ARG A 162 -14.04 -14.08 -15.42
N ASP A 163 -14.56 -14.20 -16.64
CA ASP A 163 -14.91 -15.51 -17.17
C ASP A 163 -13.73 -16.48 -17.23
N GLU A 164 -12.56 -15.97 -17.60
CA GLU A 164 -11.39 -16.84 -17.70
C GLU A 164 -10.94 -17.30 -16.32
N LEU A 165 -11.15 -16.45 -15.32
CA LEU A 165 -10.74 -16.76 -13.95
C LEU A 165 -11.64 -17.79 -13.27
N VAL A 166 -12.95 -17.66 -13.45
CA VAL A 166 -13.89 -18.60 -12.83
C VAL A 166 -13.76 -19.99 -13.42
N LYS A 167 -12.99 -20.10 -14.51
CA LYS A 167 -12.77 -21.40 -15.15
C LYS A 167 -12.00 -22.30 -14.21
N LEU A 168 -11.18 -21.69 -13.35
CA LEU A 168 -10.35 -22.45 -12.42
C LEU A 168 -11.16 -23.03 -11.26
N GLY A 169 -12.36 -22.51 -11.07
CA GLY A 169 -13.19 -23.01 -9.99
C GLY A 169 -13.04 -22.25 -8.67
N TYR A 170 -12.36 -21.12 -8.71
CA TYR A 170 -12.18 -20.31 -7.51
C TYR A 170 -13.25 -19.24 -7.42
N ARG A 171 -13.90 -19.18 -6.26
CA ARG A 171 -14.98 -18.23 -6.04
C ARG A 171 -14.46 -16.80 -6.22
N VAL A 172 -15.14 -16.04 -7.10
CA VAL A 172 -14.75 -14.66 -7.39
C VAL A 172 -15.79 -13.68 -6.85
N GLU A 173 -15.41 -12.88 -5.85
CA GLU A 173 -16.31 -11.89 -5.27
C GLU A 173 -15.90 -10.47 -5.65
N SER A 174 -16.64 -9.86 -6.57
CA SER A 174 -16.37 -8.51 -7.02
C SER A 174 -17.38 -7.56 -6.39
N LEU A 175 -16.90 -6.56 -5.65
CA LEU A 175 -17.79 -5.62 -4.98
C LEU A 175 -18.57 -4.73 -5.93
N ALA A 176 -17.96 -4.36 -7.05
CA ALA A 176 -18.67 -3.53 -8.02
C ALA A 176 -18.40 -4.16 -9.37
N ARG A 177 -19.46 -4.40 -10.14
CA ARG A 177 -19.31 -5.01 -11.45
C ARG A 177 -19.83 -4.07 -12.52
N ILE A 178 -18.94 -3.64 -13.41
CA ILE A 178 -19.29 -2.73 -14.47
C ILE A 178 -19.60 -3.45 -15.77
N GLN A 179 -20.79 -3.18 -16.31
CA GLN A 179 -21.22 -3.80 -17.56
C GLN A 179 -20.72 -3.01 -18.75
N SER A 180 -20.64 -1.69 -18.61
CA SER A 180 -20.17 -0.84 -19.69
C SER A 180 -19.58 0.48 -19.23
N LEU A 181 -18.64 0.98 -20.04
CA LEU A 181 -17.96 2.25 -19.80
C LEU A 181 -18.15 3.14 -21.00
N GLU A 182 -18.90 2.65 -21.97
CA GLU A 182 -19.16 3.41 -23.19
C GLU A 182 -19.83 4.75 -22.96
N GLU A 183 -19.55 5.69 -23.85
CA GLU A 183 -20.12 7.03 -23.80
C GLU A 183 -19.75 7.81 -22.54
N GLY A 184 -18.55 7.56 -22.04
CA GLY A 184 -18.08 8.25 -20.86
C GLY A 184 -19.00 8.10 -19.67
N LYS A 185 -19.63 6.94 -19.56
CA LYS A 185 -20.55 6.68 -18.46
C LYS A 185 -20.37 5.27 -17.90
N VAL A 186 -20.50 5.13 -16.59
CA VAL A 186 -20.37 3.83 -15.95
C VAL A 186 -21.73 3.17 -15.73
N SER A 187 -21.94 2.02 -16.38
CA SER A 187 -23.18 1.28 -16.22
C SER A 187 -22.82 -0.02 -15.51
N PHE A 188 -23.46 -0.27 -14.36
CA PHE A 188 -23.19 -1.48 -13.61
C PHE A 188 -24.05 -2.65 -14.06
N VAL A 189 -23.56 -3.86 -13.85
CA VAL A 189 -24.27 -5.07 -14.22
C VAL A 189 -25.60 -5.12 -13.46
N GLN A 190 -26.69 -5.32 -14.19
CA GLN A 190 -28.01 -5.38 -13.58
C GLN A 190 -28.19 -6.68 -12.83
N MET B 1 6.56 3.33 21.28
CA MET B 1 5.53 2.26 21.23
C MET B 1 6.13 0.91 21.61
N GLU B 2 5.86 0.47 22.83
CA GLU B 2 6.38 -0.79 23.34
C GLU B 2 5.97 -1.98 22.48
N ALA B 3 4.74 -1.98 21.98
CA ALA B 3 4.26 -3.07 21.14
C ALA B 3 5.10 -3.18 19.86
N LEU B 4 5.51 -2.04 19.33
CA LEU B 4 6.32 -2.00 18.12
C LEU B 4 7.76 -2.41 18.43
N LYS B 5 8.29 -1.94 19.55
CA LYS B 5 9.65 -2.28 19.93
C LYS B 5 9.79 -3.78 20.15
N ARG B 6 8.77 -4.41 20.72
CA ARG B 6 8.82 -5.85 20.95
C ARG B 6 8.81 -6.61 19.63
N LYS B 7 8.02 -6.12 18.68
CA LYS B 7 7.96 -6.77 17.37
C LYS B 7 9.34 -6.73 16.74
N ILE B 8 9.95 -5.55 16.77
CA ILE B 8 11.28 -5.37 16.20
C ILE B 8 12.31 -6.30 16.85
N GLU B 9 12.25 -6.41 18.17
CA GLU B 9 13.20 -7.26 18.90
C GLU B 9 13.06 -8.74 18.58
N GLU B 10 11.83 -9.24 18.54
CA GLU B 10 11.63 -10.66 18.29
C GLU B 10 11.51 -11.08 16.83
N GLU B 11 11.05 -10.19 15.96
CA GLU B 11 10.90 -10.52 14.55
C GLU B 11 11.84 -9.76 13.61
N GLY B 12 12.40 -8.65 14.08
CA GLY B 12 13.30 -7.88 13.24
C GLY B 12 14.57 -8.65 12.89
N VAL B 13 15.05 -8.48 11.66
CA VAL B 13 16.27 -9.14 11.23
C VAL B 13 17.32 -8.11 10.83
N VAL B 14 18.42 -8.06 11.56
CA VAL B 14 19.46 -7.10 11.24
C VAL B 14 20.20 -7.59 10.01
N LEU B 15 20.01 -6.88 8.90
CA LEU B 15 20.63 -7.22 7.63
C LEU B 15 22.10 -6.82 7.64
N SER B 16 22.35 -5.55 7.93
CA SER B 16 23.70 -5.01 7.98
C SER B 16 23.74 -3.92 9.05
N ASP B 17 24.86 -3.24 9.16
CA ASP B 17 25.02 -2.16 10.12
C ASP B 17 24.11 -0.98 9.74
N GLN B 18 23.61 -0.98 8.50
CA GLN B 18 22.78 0.13 8.01
C GLN B 18 21.31 -0.21 7.74
N VAL B 19 21.01 -1.48 7.57
CA VAL B 19 19.64 -1.88 7.23
C VAL B 19 19.01 -2.90 8.16
N LEU B 20 17.76 -2.63 8.51
CA LEU B 20 16.99 -3.53 9.37
C LEU B 20 15.85 -4.11 8.54
N LYS B 21 15.65 -5.41 8.62
CA LYS B 21 14.56 -6.01 7.89
C LYS B 21 13.42 -6.37 8.82
N VAL B 22 12.21 -5.97 8.44
CA VAL B 22 10.99 -6.25 9.19
C VAL B 22 9.92 -6.70 8.19
N ASP B 23 10.31 -7.62 7.31
CA ASP B 23 9.41 -8.15 6.29
C ASP B 23 8.26 -8.97 6.83
N SER B 24 8.38 -9.42 8.08
CA SER B 24 7.34 -10.25 8.66
C SER B 24 6.12 -9.50 9.18
N PHE B 25 6.23 -8.18 9.36
CA PHE B 25 5.09 -7.44 9.86
C PHE B 25 4.88 -6.02 9.31
N LEU B 26 5.86 -5.46 8.61
CA LEU B 26 5.72 -4.10 8.09
C LEU B 26 5.93 -3.89 6.59
N ASN B 27 6.98 -4.49 6.03
CA ASN B 27 7.34 -4.27 4.63
C ASN B 27 6.98 -5.24 3.52
N HIS B 28 6.47 -6.42 3.86
CA HIS B 28 6.12 -7.41 2.84
C HIS B 28 4.87 -8.10 3.32
N GLN B 29 4.96 -8.65 4.52
CA GLN B 29 3.80 -9.25 5.16
C GLN B 29 3.42 -8.13 6.12
N ILE B 30 2.13 -7.88 6.26
CA ILE B 30 1.66 -6.82 7.13
C ILE B 30 0.79 -7.33 8.26
N ASP B 31 1.03 -6.82 9.46
CA ASP B 31 0.27 -7.18 10.64
C ASP B 31 -0.76 -6.05 10.81
N PRO B 32 -2.00 -6.26 10.35
CA PRO B 32 -3.08 -5.27 10.42
C PRO B 32 -3.36 -4.66 11.80
N LEU B 33 -3.40 -5.51 12.83
CA LEU B 33 -3.69 -5.00 14.17
C LEU B 33 -2.60 -4.01 14.56
N LEU B 34 -1.34 -4.41 14.41
CA LEU B 34 -0.22 -3.53 14.74
C LEU B 34 -0.30 -2.24 13.93
N MET B 35 -0.67 -2.35 12.65
CA MET B 35 -0.80 -1.18 11.81
C MET B 35 -1.84 -0.24 12.40
N GLN B 36 -2.93 -0.81 12.93
CA GLN B 36 -3.99 0.01 13.52
C GLN B 36 -3.46 0.73 14.77
N ARG B 37 -2.73 0.02 15.61
CA ARG B 37 -2.16 0.62 16.81
C ARG B 37 -1.23 1.77 16.39
N ILE B 38 -0.41 1.52 15.37
CA ILE B 38 0.51 2.53 14.86
C ILE B 38 -0.30 3.71 14.35
N GLY B 39 -1.37 3.42 13.63
CA GLY B 39 -2.20 4.50 13.12
C GLY B 39 -2.77 5.35 14.23
N ASP B 40 -3.21 4.71 15.31
CA ASP B 40 -3.79 5.45 16.43
C ASP B 40 -2.73 6.27 17.17
N GLU B 41 -1.52 5.72 17.31
CA GLU B 41 -0.43 6.43 17.98
C GLU B 41 -0.16 7.73 17.20
N PHE B 42 0.02 7.63 15.89
CA PHE B 42 0.24 8.83 15.05
C PHE B 42 -0.93 9.80 15.20
N ALA B 43 -2.15 9.30 15.08
CA ALA B 43 -3.34 10.14 15.21
C ALA B 43 -3.32 10.85 16.56
N SER B 44 -2.98 10.12 17.61
CA SER B 44 -2.92 10.70 18.96
C SER B 44 -1.94 11.86 18.98
N ARG B 45 -0.74 11.64 18.46
CA ARG B 45 0.29 12.68 18.45
C ARG B 45 -0.09 13.93 17.65
N PHE B 46 -0.88 13.77 16.60
CA PHE B 46 -1.27 14.91 15.77
C PHE B 46 -2.76 15.23 15.91
N ALA B 47 -3.38 14.68 16.94
CA ALA B 47 -4.81 14.87 17.18
C ALA B 47 -5.30 16.31 17.11
N LYS B 48 -4.51 17.24 17.63
CA LYS B 48 -4.94 18.64 17.66
C LYS B 48 -4.20 19.56 16.71
N ASP B 49 -3.59 18.99 15.67
CA ASP B 49 -2.84 19.79 14.74
C ASP B 49 -3.63 20.28 13.54
N GLY B 50 -4.89 19.87 13.44
CA GLY B 50 -5.71 20.29 12.32
C GLY B 50 -5.28 19.68 11.01
N ILE B 51 -4.89 18.40 11.03
CA ILE B 51 -4.48 17.73 9.80
C ILE B 51 -5.67 17.60 8.85
N THR B 52 -5.46 17.89 7.57
CA THR B 52 -6.54 17.76 6.60
C THR B 52 -6.27 16.62 5.63
N LYS B 53 -5.01 16.16 5.59
CA LYS B 53 -4.64 15.09 4.67
C LYS B 53 -3.29 14.49 5.02
N ILE B 54 -3.11 13.24 4.63
CA ILE B 54 -1.87 12.54 4.88
C ILE B 54 -1.21 12.26 3.54
N VAL B 55 0.11 12.34 3.51
CA VAL B 55 0.84 12.08 2.29
C VAL B 55 1.93 11.08 2.64
N THR B 56 2.05 10.05 1.83
CA THR B 56 3.06 9.03 2.04
C THR B 56 3.62 8.62 0.68
N ILE B 57 4.37 7.53 0.64
CA ILE B 57 4.95 7.04 -0.61
C ILE B 57 4.72 5.53 -0.72
N GLU B 58 4.44 5.05 -1.92
CA GLU B 58 4.22 3.62 -2.09
C GLU B 58 5.56 2.92 -1.85
N SER B 59 5.53 1.70 -1.32
CA SER B 59 4.28 1.03 -0.98
C SER B 59 4.17 0.70 0.52
N SER B 60 5.31 0.63 1.21
CA SER B 60 5.32 0.32 2.64
C SER B 60 4.64 1.37 3.53
N GLY B 61 4.68 2.63 3.11
CA GLY B 61 4.06 3.67 3.91
C GLY B 61 2.54 3.66 3.88
N ILE B 62 1.97 3.09 2.83
CA ILE B 62 0.51 3.04 2.67
C ILE B 62 -0.26 2.50 3.89
N ALA B 63 0.09 1.30 4.34
CA ALA B 63 -0.59 0.69 5.48
C ALA B 63 -0.59 1.57 6.74
N PRO B 64 0.59 2.05 7.18
CA PRO B 64 0.60 2.91 8.38
C PRO B 64 -0.16 4.22 8.17
N ALA B 65 -0.05 4.78 6.97
CA ALA B 65 -0.72 6.04 6.65
C ALA B 65 -2.25 5.92 6.58
N VAL B 66 -2.73 4.81 6.04
CA VAL B 66 -4.17 4.59 5.92
C VAL B 66 -4.85 4.46 7.30
N MET B 67 -4.23 3.70 8.20
CA MET B 67 -4.80 3.54 9.54
C MET B 67 -4.81 4.89 10.26
N THR B 68 -3.75 5.68 10.06
CA THR B 68 -3.68 7.01 10.68
C THR B 68 -4.79 7.86 10.09
N GLY B 69 -5.00 7.72 8.78
CA GLY B 69 -6.04 8.47 8.11
C GLY B 69 -7.42 8.05 8.55
N LEU B 70 -7.60 6.76 8.81
CA LEU B 70 -8.89 6.26 9.26
C LEU B 70 -9.20 6.88 10.62
N LYS B 71 -8.22 6.84 11.51
CA LYS B 71 -8.41 7.38 12.84
C LYS B 71 -8.64 8.89 12.83
N LEU B 72 -7.81 9.62 12.10
CA LEU B 72 -7.95 11.07 12.04
C LEU B 72 -9.13 11.54 11.20
N GLY B 73 -9.60 10.68 10.30
CA GLY B 73 -10.73 11.04 9.46
C GLY B 73 -10.36 11.93 8.29
N VAL B 74 -9.23 11.64 7.65
CA VAL B 74 -8.78 12.42 6.50
C VAL B 74 -8.30 11.48 5.38
N PRO B 75 -8.18 12.00 4.16
CA PRO B 75 -7.73 11.19 3.04
C PRO B 75 -6.21 10.94 3.08
N VAL B 76 -5.77 9.88 2.42
CA VAL B 76 -4.36 9.54 2.36
C VAL B 76 -3.97 9.53 0.89
N VAL B 77 -2.94 10.30 0.55
CA VAL B 77 -2.45 10.34 -0.83
C VAL B 77 -1.05 9.74 -0.87
N PHE B 78 -0.82 8.73 -1.70
CA PHE B 78 0.51 8.15 -1.77
C PHE B 78 1.21 8.49 -3.08
N ALA B 79 2.43 9.03 -2.95
CA ALA B 79 3.23 9.39 -4.12
C ALA B 79 3.54 8.09 -4.85
N ARG B 80 3.67 8.17 -6.17
CA ARG B 80 3.94 6.98 -6.96
C ARG B 80 5.16 7.18 -7.86
N LYS B 81 5.85 6.09 -8.20
CA LYS B 81 7.00 6.19 -9.09
C LYS B 81 6.52 6.85 -10.37
N HIS B 82 7.37 7.67 -10.97
CA HIS B 82 7.04 8.41 -12.18
C HIS B 82 8.22 8.49 -13.15
N LYS B 83 7.93 8.41 -14.44
CA LYS B 83 8.98 8.50 -15.45
C LYS B 83 9.26 9.96 -15.78
N SER B 84 10.49 10.40 -15.57
CA SER B 84 10.84 11.78 -15.89
C SER B 84 10.66 11.94 -17.40
N LEU B 85 10.42 10.82 -18.06
CA LEU B 85 10.22 10.78 -19.52
C LEU B 85 8.77 11.13 -19.86
N THR B 86 7.92 11.20 -18.84
CA THR B 86 6.51 11.53 -19.03
C THR B 86 6.36 13.03 -18.91
N LEU B 87 5.12 13.51 -18.92
CA LEU B 87 4.84 14.93 -18.80
C LEU B 87 3.77 15.23 -17.75
N THR B 88 2.54 15.41 -18.21
CA THR B 88 1.40 15.71 -17.33
C THR B 88 1.66 16.91 -16.43
N ASP B 89 0.94 17.99 -16.70
CA ASP B 89 1.09 19.21 -15.91
C ASP B 89 0.28 19.12 -14.62
N ASN B 90 0.54 20.07 -13.73
CA ASN B 90 -0.13 20.13 -12.44
C ASN B 90 0.44 19.00 -11.57
N LEU B 91 1.15 18.07 -12.20
CA LEU B 91 1.77 16.95 -11.51
C LEU B 91 2.89 17.46 -10.61
N LEU B 92 2.88 17.07 -9.34
CA LEU B 92 3.89 17.49 -8.37
C LEU B 92 4.93 16.38 -8.28
N THR B 93 6.20 16.70 -8.55
CA THR B 93 7.24 15.67 -8.53
C THR B 93 8.51 15.98 -7.73
N ALA B 94 9.23 14.94 -7.37
CA ALA B 94 10.46 15.06 -6.62
C ALA B 94 11.34 13.86 -6.96
N SER B 95 12.65 14.03 -6.78
CA SER B 95 13.61 12.98 -7.07
C SER B 95 14.09 12.36 -5.76
N VAL B 96 13.92 11.04 -5.62
CA VAL B 96 14.31 10.35 -4.40
C VAL B 96 15.31 9.22 -4.62
N TYR B 97 16.39 9.20 -3.84
CA TYR B 97 17.38 8.13 -3.93
C TYR B 97 17.02 7.12 -2.85
N SER B 98 16.62 5.93 -3.29
CA SER B 98 16.23 4.85 -2.40
C SER B 98 17.39 4.36 -1.54
N PHE B 99 17.21 4.42 -0.23
CA PHE B 99 18.26 3.99 0.70
C PHE B 99 18.58 2.51 0.55
N THR B 100 17.54 1.70 0.39
CA THR B 100 17.70 0.25 0.28
C THR B 100 17.94 -0.29 -1.13
N LYS B 101 17.40 0.39 -2.14
CA LYS B 101 17.57 -0.06 -3.51
C LYS B 101 18.80 0.60 -4.13
N GLN B 102 19.22 1.71 -3.52
CA GLN B 102 20.37 2.47 -3.98
C GLN B 102 20.28 2.79 -5.46
N THR B 103 19.15 3.39 -5.82
CA THR B 103 18.87 3.83 -7.18
C THR B 103 18.01 5.08 -7.04
N GLU B 104 18.13 5.98 -8.01
CA GLU B 104 17.37 7.23 -8.03
C GLU B 104 16.07 7.03 -8.80
N SER B 105 15.00 7.65 -8.34
CA SER B 105 13.74 7.56 -9.04
C SER B 105 12.92 8.81 -8.80
N GLN B 106 11.95 9.05 -9.66
CA GLN B 106 11.07 10.20 -9.56
C GLN B 106 9.77 9.73 -8.95
N ILE B 107 9.25 10.50 -7.99
CA ILE B 107 7.98 10.14 -7.39
C ILE B 107 7.06 11.30 -7.76
N ALA B 108 5.76 11.04 -7.79
CA ALA B 108 4.83 12.10 -8.17
C ALA B 108 3.44 11.97 -7.54
N VAL B 109 2.76 13.12 -7.45
CA VAL B 109 1.40 13.22 -6.91
C VAL B 109 0.61 14.16 -7.81
N SER B 110 -0.60 13.77 -8.18
CA SER B 110 -1.42 14.62 -9.03
C SER B 110 -1.72 15.89 -8.25
N GLY B 111 -1.48 17.04 -8.87
CA GLY B 111 -1.70 18.31 -8.20
C GLY B 111 -3.13 18.51 -7.74
N THR B 112 -4.05 17.74 -8.32
CA THR B 112 -5.45 17.87 -7.95
C THR B 112 -5.75 17.33 -6.54
N HIS B 113 -4.89 16.47 -6.03
CA HIS B 113 -5.13 15.90 -4.70
C HIS B 113 -4.58 16.72 -3.53
N LEU B 114 -3.92 17.84 -3.84
CA LEU B 114 -3.37 18.71 -2.80
C LEU B 114 -3.64 20.17 -3.12
N SER B 115 -4.04 20.93 -2.11
CA SER B 115 -4.31 22.35 -2.28
C SER B 115 -3.56 23.14 -1.24
N ASP B 116 -3.35 24.43 -1.50
CA ASP B 116 -2.64 25.29 -0.57
C ASP B 116 -3.43 25.41 0.74
N GLN B 117 -4.65 24.90 0.71
CA GLN B 117 -5.52 24.94 1.89
C GLN B 117 -5.17 23.82 2.85
N ASP B 118 -4.58 22.75 2.32
CA ASP B 118 -4.21 21.59 3.11
C ASP B 118 -3.12 21.80 4.17
N HIS B 119 -3.25 21.06 5.25
CA HIS B 119 -2.29 21.04 6.34
C HIS B 119 -1.95 19.56 6.42
N VAL B 120 -0.78 19.21 5.91
CA VAL B 120 -0.35 17.82 5.81
C VAL B 120 0.50 17.13 6.86
N LEU B 121 0.18 15.85 7.08
CA LEU B 121 0.93 14.98 7.97
C LEU B 121 1.60 13.98 7.02
N ILE B 122 2.93 14.00 6.98
CA ILE B 122 3.65 13.10 6.11
C ILE B 122 3.93 11.83 6.92
N ILE B 123 3.76 10.67 6.29
CA ILE B 123 4.00 9.39 6.98
C ILE B 123 4.83 8.43 6.11
N ASP B 124 5.77 7.74 6.73
CA ASP B 124 6.57 6.75 6.01
C ASP B 124 7.00 5.68 7.00
N ASP B 125 7.43 4.53 6.49
CA ASP B 125 7.81 3.43 7.36
C ASP B 125 9.20 3.57 8.01
N PHE B 126 10.20 3.97 7.23
CA PHE B 126 11.54 4.12 7.79
C PHE B 126 12.11 5.51 7.53
N LEU B 127 13.04 5.93 8.37
CA LEU B 127 13.73 7.20 8.19
C LEU B 127 15.20 6.84 8.28
N ALA B 128 15.96 7.08 7.21
CA ALA B 128 17.39 6.78 7.22
C ALA B 128 18.15 8.08 6.94
N ASN B 129 18.33 8.40 5.67
CA ASN B 129 19.04 9.63 5.30
C ASN B 129 18.09 10.81 5.06
N GLY B 130 16.79 10.56 5.10
CA GLY B 130 15.83 11.63 4.88
C GLY B 130 15.47 11.85 3.43
N GLN B 131 15.96 10.98 2.55
CA GLN B 131 15.69 11.13 1.12
C GLN B 131 14.20 11.15 0.77
N ALA B 132 13.47 10.12 1.16
CA ALA B 132 12.04 10.05 0.87
C ALA B 132 11.30 11.22 1.53
N ALA B 133 11.63 11.52 2.77
CA ALA B 133 10.99 12.62 3.48
C ALA B 133 11.17 13.94 2.72
N HIS B 134 12.39 14.22 2.27
CA HIS B 134 12.66 15.45 1.52
C HIS B 134 11.83 15.51 0.24
N GLY B 135 11.60 14.35 -0.38
CA GLY B 135 10.80 14.31 -1.60
C GLY B 135 9.34 14.67 -1.36
N LEU B 136 8.76 14.14 -0.28
CA LEU B 136 7.36 14.39 0.06
C LEU B 136 7.18 15.84 0.50
N VAL B 137 8.14 16.34 1.26
CA VAL B 137 8.12 17.72 1.71
C VAL B 137 8.13 18.65 0.49
N SER B 138 8.99 18.36 -0.48
CA SER B 138 9.06 19.19 -1.68
C SER B 138 7.71 19.18 -2.41
N ILE B 139 7.14 17.99 -2.56
CA ILE B 139 5.85 17.83 -3.23
C ILE B 139 4.76 18.60 -2.50
N VAL B 140 4.75 18.51 -1.17
CA VAL B 140 3.74 19.21 -0.39
C VAL B 140 3.88 20.71 -0.56
N LYS B 141 5.11 21.21 -0.48
CA LYS B 141 5.33 22.65 -0.65
C LYS B 141 4.99 23.09 -2.07
N GLN B 142 5.21 22.21 -3.05
CA GLN B 142 4.88 22.56 -4.43
C GLN B 142 3.39 22.87 -4.57
N ALA B 143 2.57 22.20 -3.77
CA ALA B 143 1.12 22.41 -3.82
C ALA B 143 0.77 23.66 -3.00
N GLY B 144 1.74 24.17 -2.26
CA GLY B 144 1.51 25.36 -1.45
C GLY B 144 0.87 25.05 -0.11
N ALA B 145 0.81 23.78 0.25
CA ALA B 145 0.20 23.38 1.51
C ALA B 145 1.19 23.52 2.67
N SER B 146 0.66 23.53 3.89
CA SER B 146 1.51 23.64 5.07
C SER B 146 1.79 22.25 5.59
N ILE B 147 2.82 22.12 6.41
CA ILE B 147 3.21 20.83 6.95
C ILE B 147 3.20 20.81 8.47
N ALA B 148 2.52 19.83 9.03
CA ALA B 148 2.42 19.69 10.48
C ALA B 148 3.64 18.94 11.00
N GLY B 149 4.05 17.92 10.26
CA GLY B 149 5.19 17.15 10.68
C GLY B 149 5.34 15.85 9.92
N ILE B 150 6.29 15.03 10.33
CA ILE B 150 6.55 13.77 9.67
C ILE B 150 6.48 12.61 10.65
N GLY B 151 5.58 11.67 10.37
CA GLY B 151 5.45 10.51 11.24
C GLY B 151 6.23 9.36 10.64
N ILE B 152 7.12 8.76 11.43
CA ILE B 152 7.96 7.65 10.99
C ILE B 152 7.76 6.46 11.92
N VAL B 153 7.62 5.27 11.35
CA VAL B 153 7.44 4.10 12.18
C VAL B 153 8.74 3.69 12.83
N ILE B 154 9.79 3.50 12.03
CA ILE B 154 11.09 3.11 12.56
C ILE B 154 12.18 4.07 12.09
N GLU B 155 12.84 4.71 13.05
CA GLU B 155 13.89 5.66 12.72
C GLU B 155 15.27 5.14 13.11
N LYS B 156 16.24 5.30 12.22
CA LYS B 156 17.60 4.89 12.54
C LYS B 156 18.25 6.22 12.91
N SER B 157 18.19 6.52 14.20
CA SER B 157 18.72 7.74 14.78
C SER B 157 20.19 7.95 14.54
N PHE B 158 20.90 6.87 14.21
CA PHE B 158 22.34 6.99 13.97
C PHE B 158 22.68 7.43 12.54
N GLN B 159 21.65 7.50 11.68
CA GLN B 159 21.85 7.95 10.31
C GLN B 159 21.38 9.43 10.27
N PRO B 160 21.90 10.22 9.32
CA PRO B 160 21.60 11.66 9.16
C PRO B 160 20.19 12.21 8.92
N GLY B 161 19.25 11.34 8.54
CA GLY B 161 17.90 11.79 8.25
C GLY B 161 17.20 12.65 9.28
N ARG B 162 17.08 12.18 10.52
CA ARG B 162 16.39 12.95 11.54
C ARG B 162 17.02 14.32 11.80
N ASP B 163 18.34 14.36 11.95
CA ASP B 163 19.02 15.62 12.22
C ASP B 163 18.80 16.63 11.13
N GLU B 164 18.82 16.16 9.89
CA GLU B 164 18.62 17.03 8.75
C GLU B 164 17.20 17.62 8.73
N LEU B 165 16.21 16.78 8.96
CA LEU B 165 14.83 17.25 8.96
C LEU B 165 14.59 18.22 10.13
N VAL B 166 15.14 17.89 11.29
CA VAL B 166 15.01 18.75 12.47
C VAL B 166 15.65 20.11 12.21
N LYS B 167 16.87 20.09 11.70
CA LYS B 167 17.60 21.31 11.40
C LYS B 167 16.81 22.15 10.39
N LEU B 168 15.99 21.49 9.58
CA LEU B 168 15.19 22.21 8.58
C LEU B 168 13.88 22.72 9.17
N GLY B 169 13.71 22.53 10.47
CA GLY B 169 12.50 23.01 11.15
C GLY B 169 11.27 22.11 11.05
N TYR B 170 11.47 20.84 10.74
CA TYR B 170 10.36 19.91 10.63
C TYR B 170 10.19 19.02 11.86
N ARG B 171 8.94 18.88 12.28
CA ARG B 171 8.61 18.05 13.43
C ARG B 171 8.69 16.58 13.03
N VAL B 172 9.45 15.80 13.79
CA VAL B 172 9.62 14.39 13.50
C VAL B 172 9.12 13.51 14.66
N GLU B 173 8.09 12.72 14.37
CA GLU B 173 7.51 11.81 15.35
C GLU B 173 7.86 10.38 14.93
N SER B 174 8.85 9.78 15.57
CA SER B 174 9.27 8.41 15.25
C SER B 174 8.86 7.47 16.38
N LEU B 175 8.08 6.44 16.04
CA LEU B 175 7.57 5.51 17.05
C LEU B 175 8.64 4.60 17.66
N ALA B 176 9.63 4.24 16.87
CA ALA B 176 10.73 3.42 17.37
C ALA B 176 12.03 4.08 16.90
N ARG B 177 12.95 4.32 17.82
CA ARG B 177 14.20 4.96 17.46
C ARG B 177 15.35 4.02 17.76
N ILE B 178 16.12 3.69 16.72
CA ILE B 178 17.24 2.77 16.85
C ILE B 178 18.55 3.52 16.90
N GLN B 179 19.33 3.24 17.94
CA GLN B 179 20.62 3.87 18.16
C GLN B 179 21.74 3.15 17.42
N SER B 180 21.61 1.83 17.26
CA SER B 180 22.63 1.05 16.56
C SER B 180 22.11 -0.33 16.10
N LEU B 181 22.68 -0.80 14.99
CA LEU B 181 22.34 -2.12 14.42
C LEU B 181 23.58 -3.00 14.45
N GLU B 182 24.65 -2.51 15.06
CA GLU B 182 25.90 -3.25 15.15
C GLU B 182 25.81 -4.57 15.89
N GLU B 183 26.73 -5.48 15.55
CA GLU B 183 26.80 -6.80 16.15
C GLU B 183 25.53 -7.62 15.88
N GLY B 184 24.82 -7.25 14.82
CA GLY B 184 23.60 -7.96 14.44
C GLY B 184 22.49 -7.90 15.48
N LYS B 185 22.40 -6.78 16.17
CA LYS B 185 21.39 -6.61 17.20
C LYS B 185 20.81 -5.19 17.16
N VAL B 186 19.54 -5.07 17.52
CA VAL B 186 18.90 -3.77 17.53
C VAL B 186 19.03 -3.14 18.89
N SER B 187 19.61 -1.95 18.93
CA SER B 187 19.76 -1.18 20.17
C SER B 187 19.00 0.13 20.00
N PHE B 188 17.93 0.28 20.77
CA PHE B 188 17.11 1.48 20.68
C PHE B 188 17.74 2.65 21.42
N VAL B 189 17.31 3.86 21.08
CA VAL B 189 17.79 5.07 21.74
C VAL B 189 17.28 5.05 23.18
N GLN B 190 18.15 5.41 24.12
CA GLN B 190 17.78 5.43 25.53
C GLN B 190 17.20 6.80 25.87
#